data_4RK7
#
_entry.id   4RK7
#
_cell.length_a   102.694
_cell.length_b   102.694
_cell.length_c   127.699
_cell.angle_alpha   90.00
_cell.angle_beta   90.00
_cell.angle_gamma   90.00
#
_symmetry.space_group_name_H-M   'P 43 21 2'
#
loop_
_entity.id
_entity.type
_entity.pdbx_description
1 polymer 'Glucose-resistance amylase regulator'
2 branched beta-D-fructofuranose-(2-1)-alpha-D-glucopyranose
3 water water
#
_entity_poly.entity_id   1
_entity_poly.type   'polypeptide(L)'
_entity_poly.pdbx_seq_one_letter_code
;S(MSE)ADLSSKRSRVVGVVVPLIHTNFADEIIKGLYETTISSGYELLITYLDEDEDHQYQVFQTLLSRQVGAVF(MSE)
LSLDIPSW(MSE)IDKLLEEQISVISLTALLSEQISAVTSNEFE(MSE)(MSE)NSIVDYLID(MSE)GHKNIALVGDTK
LTTNISSTRRTNFIKS(MSE)TDHNLAYENIFLYGNDHSYETGYTSVTTGYDINQLPFTAAIATAD(MSE)VGQGLINA
(MSE)SDHGKTVPEDLSIVTIDGLQQTEIARPKLTTVKQDFPEIGRIA(MSE)QLFLDSDSEKTEPQIIYIPTELIQRDS
VLNLNSTK
;
_entity_poly.pdbx_strand_id   A,B
#
loop_
_chem_comp.id
_chem_comp.type
_chem_comp.name
_chem_comp.formula
FRU D-saccharide, beta linking beta-D-fructofuranose 'C6 H12 O6'
GLC D-saccharide, alpha linking alpha-D-glucopyranose 'C6 H12 O6'
#
# COMPACT_ATOMS: atom_id res chain seq x y z
N ARG A 11 -14.37 -3.65 -25.09
CA ARG A 11 -14.74 -2.96 -23.82
C ARG A 11 -13.67 -3.10 -22.73
N VAL A 12 -12.54 -2.44 -22.94
CA VAL A 12 -11.46 -2.40 -21.96
C VAL A 12 -11.05 -0.94 -21.75
N VAL A 13 -10.74 -0.58 -20.51
CA VAL A 13 -10.14 0.72 -20.20
C VAL A 13 -8.82 0.48 -19.51
N GLY A 14 -7.88 1.37 -19.75
CA GLY A 14 -6.54 1.28 -19.16
C GLY A 14 -6.35 2.29 -18.07
N VAL A 15 -5.48 1.96 -17.13
CA VAL A 15 -5.13 2.86 -16.05
C VAL A 15 -3.61 2.85 -16.01
N VAL A 16 -3.02 4.04 -16.04
CA VAL A 16 -1.56 4.20 -15.98
C VAL A 16 -1.22 4.74 -14.59
N VAL A 17 -0.43 3.95 -13.87
CA VAL A 17 -0.09 4.21 -12.49
C VAL A 17 1.44 4.41 -12.40
N PRO A 18 1.89 5.42 -11.67
CA PRO A 18 3.35 5.58 -11.53
C PRO A 18 3.97 4.42 -10.75
N LEU A 19 5.19 4.01 -11.10
CA LEU A 19 5.88 2.97 -10.34
C LEU A 19 5.99 3.34 -8.85
N ILE A 20 6.28 4.60 -8.57
CA ILE A 20 6.39 5.09 -7.19
C ILE A 20 5.13 5.84 -6.80
N HIS A 21 4.33 5.25 -5.92
CA HIS A 21 3.03 5.81 -5.56
C HIS A 21 2.66 5.55 -4.11
N THR A 22 1.97 6.51 -3.50
CA THR A 22 1.27 6.29 -2.23
C THR A 22 0.18 5.22 -2.49
N ASN A 23 -0.43 4.70 -1.43
CA ASN A 23 -1.62 3.85 -1.57
C ASN A 23 -2.88 4.54 -2.10
N PHE A 24 -2.80 5.80 -2.51
CA PHE A 24 -3.96 6.45 -3.10
C PHE A 24 -4.44 5.70 -4.36
N ALA A 25 -3.51 5.15 -5.13
CA ALA A 25 -3.86 4.52 -6.42
C ALA A 25 -4.81 3.34 -6.28
N ASP A 26 -4.52 2.47 -5.31
CA ASP A 26 -5.35 1.33 -5.02
C ASP A 26 -6.81 1.72 -4.71
N GLU A 27 -6.98 2.83 -4.00
CA GLU A 27 -8.30 3.35 -3.64
C GLU A 27 -9.01 3.92 -4.87
N ILE A 28 -8.26 4.59 -5.73
CA ILE A 28 -8.84 5.08 -6.97
C ILE A 28 -9.27 3.89 -7.81
N ILE A 29 -8.42 2.88 -7.89
CA ILE A 29 -8.70 1.70 -8.68
C ILE A 29 -9.97 0.97 -8.20
N LYS A 30 -10.20 0.97 -6.89
CA LYS A 30 -11.38 0.32 -6.34
C LYS A 30 -12.62 0.99 -6.90
N GLY A 31 -12.57 2.32 -7.01
CA GLY A 31 -13.68 3.10 -7.57
C GLY A 31 -13.89 2.86 -9.06
N LEU A 32 -12.79 2.89 -9.81
CA LEU A 32 -12.80 2.58 -11.25
C LEU A 32 -13.38 1.21 -11.50
N TYR A 33 -12.93 0.23 -10.71
CA TYR A 33 -13.35 -1.15 -10.85
CA TYR A 33 -13.37 -1.17 -10.83
C TYR A 33 -14.87 -1.33 -10.65
N GLU A 34 -15.41 -0.72 -9.59
CA GLU A 34 -16.83 -0.89 -9.34
C GLU A 34 -17.69 -0.28 -10.45
N THR A 35 -17.22 0.81 -11.08
CA THR A 35 -17.98 1.39 -12.17
C THR A 35 -17.77 0.62 -13.46
N THR A 36 -16.54 0.16 -13.72
CA THR A 36 -16.26 -0.63 -14.92
C THR A 36 -17.04 -1.94 -14.92
N ILE A 37 -16.98 -2.62 -13.78
CA ILE A 37 -17.59 -3.95 -13.65
C ILE A 37 -19.10 -3.88 -13.94
N SER A 38 -19.78 -2.89 -13.38
CA SER A 38 -21.22 -2.78 -13.57
C SER A 38 -21.60 -2.23 -14.94
N SER A 39 -20.62 -1.69 -15.68
CA SER A 39 -20.88 -1.19 -17.03
C SER A 39 -20.43 -2.14 -18.14
N GLY A 40 -19.93 -3.33 -17.78
CA GLY A 40 -19.49 -4.31 -18.77
C GLY A 40 -18.10 -4.08 -19.37
N TYR A 41 -17.28 -3.28 -18.70
CA TYR A 41 -15.89 -3.04 -19.12
C TYR A 41 -14.95 -3.84 -18.22
N GLU A 42 -13.74 -4.07 -18.71
CA GLU A 42 -12.66 -4.61 -17.91
C GLU A 42 -11.53 -3.59 -17.79
N LEU A 43 -10.77 -3.70 -16.72
CA LEU A 43 -9.75 -2.73 -16.34
C LEU A 43 -8.36 -3.34 -16.55
N LEU A 44 -7.52 -2.67 -17.33
CA LEU A 44 -6.15 -3.09 -17.54
C LEU A 44 -5.26 -2.08 -16.80
N ILE A 45 -4.42 -2.56 -15.90
CA ILE A 45 -3.54 -1.71 -15.13
C ILE A 45 -2.12 -1.88 -15.64
N THR A 46 -1.44 -0.76 -15.85
CA THR A 46 -0.07 -0.79 -16.34
C THR A 46 0.72 0.26 -15.56
N TYR A 47 2.01 0.00 -15.38
CA TYR A 47 2.88 0.91 -14.63
C TYR A 47 3.75 1.71 -15.59
N LEU A 48 4.13 2.89 -15.12
CA LEU A 48 4.92 3.82 -15.90
C LEU A 48 6.11 4.26 -15.07
N ASP A 49 7.31 4.03 -15.60
CA ASP A 49 8.55 4.51 -14.96
C ASP A 49 9.00 5.79 -15.67
N GLU A 50 10.27 6.17 -15.50
CA GLU A 50 10.78 7.46 -15.99
C GLU A 50 11.52 7.34 -17.32
N ASP A 51 11.60 6.14 -17.88
CA ASP A 51 12.39 5.91 -19.09
C ASP A 51 11.49 6.05 -20.29
N GLU A 52 11.81 7.01 -21.14
CA GLU A 52 10.97 7.31 -22.30
C GLU A 52 10.77 6.10 -23.25
N ASP A 53 11.77 5.23 -23.38
CA ASP A 53 11.65 4.05 -24.25
C ASP A 53 10.70 2.96 -23.71
N HIS A 54 10.63 2.83 -22.39
CA HIS A 54 9.69 1.90 -21.77
C HIS A 54 8.31 2.50 -21.82
N GLN A 55 8.23 3.82 -21.64
CA GLN A 55 6.98 4.56 -21.79
C GLN A 55 6.32 4.27 -23.13
N TYR A 56 7.10 4.25 -24.21
CA TYR A 56 6.56 3.99 -25.53
C TYR A 56 6.05 2.55 -25.69
N GLN A 57 6.69 1.58 -25.04
CA GLN A 57 6.21 0.18 -25.05
C GLN A 57 4.84 0.08 -24.37
N VAL A 58 4.73 0.70 -23.21
CA VAL A 58 3.47 0.83 -22.48
C VAL A 58 2.36 1.43 -23.34
N PHE A 59 2.73 2.39 -24.19
CA PHE A 59 1.75 2.98 -25.08
C PHE A 59 1.34 2.00 -26.16
N GLN A 60 2.31 1.27 -26.71
CA GLN A 60 1.98 0.24 -27.69
C GLN A 60 1.07 -0.86 -27.09
N THR A 61 1.18 -1.09 -25.78
CA THR A 61 0.30 -2.03 -25.03
C THR A 61 -1.14 -1.49 -24.93
N LEU A 62 -1.28 -0.19 -24.70
CA LEU A 62 -2.61 0.44 -24.61
C LEU A 62 -3.31 0.47 -25.96
N LEU A 63 -2.59 0.85 -27.01
CA LEU A 63 -3.16 0.86 -28.34
C LEU A 63 -3.52 -0.56 -28.83
N SER A 64 -2.60 -1.52 -28.62
CA SER A 64 -2.81 -2.92 -29.05
C SER A 64 -3.97 -3.64 -28.37
N ARG A 65 -4.24 -3.33 -27.11
CA ARG A 65 -5.43 -3.89 -26.42
C ARG A 65 -6.70 -3.08 -26.73
N GLN A 66 -6.59 -2.12 -27.65
CA GLN A 66 -7.75 -1.39 -28.18
C GLN A 66 -8.58 -0.79 -27.05
N VAL A 67 -7.91 -0.13 -26.11
CA VAL A 67 -8.65 0.46 -24.98
C VAL A 67 -9.56 1.58 -25.48
N GLY A 68 -10.69 1.75 -24.81
CA GLY A 68 -11.61 2.84 -25.11
C GLY A 68 -11.21 4.13 -24.41
N ALA A 69 -10.56 3.99 -23.27
CA ALA A 69 -10.17 5.12 -22.44
C ALA A 69 -8.91 4.77 -21.69
N VAL A 70 -8.15 5.81 -21.34
CA VAL A 70 -6.99 5.65 -20.46
C VAL A 70 -7.08 6.65 -19.36
N PHE A 71 -7.04 6.17 -18.13
CA PHE A 71 -7.09 7.01 -16.98
C PHE A 71 -5.68 7.20 -16.48
N MSE A 72 -5.29 8.46 -16.33
CA MSE A 72 -3.93 8.83 -15.93
CA MSE A 72 -3.92 8.80 -15.91
C MSE A 72 -3.86 9.28 -14.50
O MSE A 72 -4.58 10.20 -14.08
CB MSE A 72 -3.47 9.99 -16.81
CB MSE A 72 -3.32 9.87 -16.81
CG MSE A 72 -3.61 9.64 -18.29
CG MSE A 72 -2.56 9.22 -17.95
SE MSE A 72 -2.17 8.38 -18.75
SE MSE A 72 -2.69 10.50 -19.46
CE MSE A 72 -2.39 8.36 -20.70
CE MSE A 72 -2.33 9.22 -20.91
N LEU A 73 -3.00 8.65 -13.71
CA LEU A 73 -2.86 8.95 -12.31
C LEU A 73 -1.49 9.58 -12.00
N SER A 74 -0.66 9.81 -13.02
CA SER A 74 0.75 10.24 -12.85
C SER A 74 0.99 11.59 -13.52
N LEU A 75 1.76 12.47 -12.89
CA LEU A 75 2.09 13.75 -13.54
C LEU A 75 3.26 13.63 -14.52
N ASP A 76 3.91 12.47 -14.55
CA ASP A 76 5.09 12.26 -15.40
C ASP A 76 4.74 11.75 -16.79
N ILE A 77 3.48 11.83 -17.17
CA ILE A 77 3.05 11.36 -18.49
C ILE A 77 3.57 12.33 -19.55
N PRO A 78 4.31 11.81 -20.53
CA PRO A 78 4.78 12.68 -21.60
C PRO A 78 3.62 13.18 -22.47
N SER A 79 3.71 14.43 -22.91
CA SER A 79 2.67 15.00 -23.78
C SER A 79 2.40 14.16 -25.00
N TRP A 80 3.45 13.57 -25.58
CA TRP A 80 3.29 12.79 -26.77
C TRP A 80 2.36 11.58 -26.55
N MSE A 81 2.30 11.03 -25.33
CA MSE A 81 1.43 9.87 -25.05
C MSE A 81 0.00 10.32 -25.04
O MSE A 81 -0.88 9.64 -25.57
CB MSE A 81 1.77 9.18 -23.72
CG MSE A 81 0.93 7.91 -23.53
SE MSE A 81 1.42 7.12 -21.78
CE MSE A 81 3.25 6.63 -22.24
N ILE A 82 -0.25 11.48 -24.44
CA ILE A 82 -1.59 12.04 -24.38
C ILE A 82 -2.04 12.32 -25.81
N ASP A 83 -1.22 13.04 -26.56
CA ASP A 83 -1.55 13.34 -27.95
C ASP A 83 -1.77 12.11 -28.80
N LYS A 84 -0.87 11.14 -28.74
CA LYS A 84 -1.03 9.93 -29.55
C LYS A 84 -2.32 9.16 -29.23
N LEU A 85 -2.66 9.08 -27.95
CA LEU A 85 -3.92 8.42 -27.55
C LEU A 85 -5.12 9.17 -28.08
N LEU A 86 -5.16 10.49 -27.86
CA LEU A 86 -6.28 11.28 -28.38
C LEU A 86 -6.40 11.13 -29.87
N GLU A 87 -5.26 11.04 -30.56
CA GLU A 87 -5.26 10.99 -32.01
C GLU A 87 -5.69 9.63 -32.54
N GLU A 88 -5.69 8.62 -31.67
CA GLU A 88 -6.31 7.31 -31.98
C GLU A 88 -7.78 7.23 -31.54
N GLN A 89 -8.37 8.36 -31.18
CA GLN A 89 -9.78 8.42 -30.72
C GLN A 89 -10.04 7.62 -29.43
N ILE A 90 -9.05 7.59 -28.56
CA ILE A 90 -9.15 7.00 -27.23
C ILE A 90 -9.34 8.15 -26.26
N SER A 91 -10.28 8.02 -25.33
CA SER A 91 -10.52 9.03 -24.31
C SER A 91 -9.40 9.01 -23.29
N VAL A 92 -8.97 10.18 -22.88
CA VAL A 92 -7.94 10.30 -21.87
C VAL A 92 -8.45 11.22 -20.80
N ILE A 93 -8.41 10.74 -19.56
CA ILE A 93 -8.93 11.49 -18.42
C ILE A 93 -7.89 11.36 -17.31
N SER A 94 -7.57 12.47 -16.66
CA SER A 94 -6.63 12.44 -15.54
C SER A 94 -7.34 12.50 -14.21
N LEU A 95 -6.76 11.80 -13.23
CA LEU A 95 -7.33 11.70 -11.89
C LEU A 95 -6.35 12.22 -10.85
N THR A 96 -6.84 13.09 -9.98
CA THR A 96 -6.12 13.74 -8.86
C THR A 96 -5.10 14.79 -9.31
N ALA A 97 -5.09 15.09 -10.60
CA ALA A 97 -4.12 16.02 -11.14
C ALA A 97 -4.65 16.54 -12.47
N LEU A 98 -4.28 17.77 -12.79
CA LEU A 98 -4.67 18.42 -14.02
C LEU A 98 -3.45 18.33 -14.94
N LEU A 99 -3.47 17.32 -15.79
CA LEU A 99 -2.34 16.93 -16.61
C LEU A 99 -2.21 17.75 -17.90
N SER A 100 -3.33 17.99 -18.58
CA SER A 100 -3.32 18.75 -19.82
C SER A 100 -4.62 19.45 -20.02
N GLU A 101 -4.53 20.66 -20.54
CA GLU A 101 -5.69 21.46 -20.93
C GLU A 101 -6.60 20.80 -21.97
N GLN A 102 -6.06 19.80 -22.67
CA GLN A 102 -6.78 19.07 -23.69
C GLN A 102 -7.74 18.04 -23.16
N ILE A 103 -7.59 17.67 -21.88
CA ILE A 103 -8.37 16.53 -21.35
C ILE A 103 -9.13 16.88 -20.08
N SER A 104 -10.18 16.13 -19.82
CA SER A 104 -10.93 16.28 -18.59
C SER A 104 -10.16 15.69 -17.40
N ALA A 105 -10.54 16.15 -16.21
CA ALA A 105 -9.88 15.75 -14.98
C ALA A 105 -10.91 15.60 -13.88
N VAL A 106 -10.73 14.60 -13.04
CA VAL A 106 -11.49 14.49 -11.81
C VAL A 106 -10.50 14.51 -10.65
N THR A 107 -10.75 15.40 -9.69
CA THR A 107 -9.77 15.64 -8.63
C THR A 107 -10.41 16.28 -7.43
N SER A 108 -9.77 16.13 -6.27
CA SER A 108 -10.07 17.01 -5.15
C SER A 108 -9.59 18.42 -5.54
N ASN A 109 -10.25 19.45 -5.02
CA ASN A 109 -9.80 20.81 -5.25
C ASN A 109 -8.57 21.15 -4.39
N GLU A 110 -7.40 21.27 -5.01
CA GLU A 110 -6.15 21.46 -4.24
C GLU A 110 -6.10 22.70 -3.38
N PHE A 111 -6.53 23.86 -3.90
CA PHE A 111 -6.48 25.06 -3.09
C PHE A 111 -7.46 24.94 -1.93
N GLU A 112 -8.66 24.43 -2.17
CA GLU A 112 -9.62 24.33 -1.10
C GLU A 112 -9.10 23.40 0.01
N MSE A 113 -8.48 22.28 -0.37
CA MSE A 113 -7.88 21.38 0.62
C MSE A 113 -6.88 22.12 1.45
O MSE A 113 -6.98 22.13 2.69
CB MSE A 113 -7.15 20.19 0.01
CG MSE A 113 -8.07 19.15 -0.59
SE MSE A 113 -7.13 17.45 -0.88
CE MSE A 113 -6.12 17.95 -2.48
N MSE A 114 -5.93 22.78 0.81
CA MSE A 114 -4.87 23.46 1.54
C MSE A 114 -5.40 24.58 2.38
O MSE A 114 -4.98 24.78 3.52
CB MSE A 114 -3.84 24.01 0.57
CG MSE A 114 -2.69 24.69 1.29
SE MSE A 114 -1.59 23.36 2.26
CE MSE A 114 -0.94 22.32 0.74
N ASN A 115 -6.29 25.37 1.80
CA ASN A 115 -6.86 26.48 2.50
C ASN A 115 -7.65 26.05 3.74
N SER A 116 -8.38 24.93 3.66
CA SER A 116 -9.10 24.42 4.83
C SER A 116 -8.14 24.08 5.96
N ILE A 117 -6.96 23.57 5.64
CA ILE A 117 -5.99 23.19 6.67
C ILE A 117 -5.40 24.43 7.33
N VAL A 118 -4.99 25.39 6.51
CA VAL A 118 -4.43 26.63 7.02
C VAL A 118 -5.47 27.36 7.89
N ASP A 119 -6.71 27.43 7.41
CA ASP A 119 -7.85 28.03 8.15
CA ASP A 119 -7.73 28.11 8.18
C ASP A 119 -7.91 27.46 9.56
N TYR A 120 -7.92 26.13 9.61
CA TYR A 120 -8.05 25.41 10.86
C TYR A 120 -6.87 25.63 11.77
N LEU A 121 -5.64 25.51 11.25
CA LEU A 121 -4.47 25.69 12.07
C LEU A 121 -4.39 27.11 12.66
N ILE A 122 -4.77 28.11 11.88
CA ILE A 122 -4.77 29.50 12.36
C ILE A 122 -5.86 29.69 13.42
N ASP A 123 -7.03 29.12 13.17
CA ASP A 123 -8.11 29.09 14.16
C ASP A 123 -7.65 28.45 15.48
N MSE A 124 -6.75 27.45 15.41
CA MSE A 124 -6.25 26.79 16.61
CA MSE A 124 -6.21 26.76 16.58
C MSE A 124 -5.03 27.51 17.18
O MSE A 124 -4.37 27.00 18.10
CB MSE A 124 -5.99 25.30 16.31
CB MSE A 124 -5.71 25.36 16.18
CG MSE A 124 -7.23 24.59 15.75
CG MSE A 124 -6.85 24.38 15.96
SE MSE A 124 -8.58 24.16 17.11
SE MSE A 124 -7.90 24.21 17.61
CE MSE A 124 -7.43 22.83 18.05
CE MSE A 124 -9.58 24.69 16.68
N GLY A 125 -4.73 28.70 16.65
CA GLY A 125 -3.70 29.59 17.22
C GLY A 125 -2.31 29.49 16.67
N HIS A 126 -2.13 28.73 15.59
CA HIS A 126 -0.81 28.56 14.98
C HIS A 126 -0.55 29.70 13.99
N LYS A 127 0.69 30.15 13.95
CA LYS A 127 1.14 31.22 13.05
C LYS A 127 2.34 30.79 12.21
N ASN A 128 3.32 30.16 12.88
CA ASN A 128 4.49 29.64 12.20
C ASN A 128 4.28 28.18 11.78
N ILE A 129 4.15 27.96 10.48
CA ILE A 129 3.65 26.68 9.93
C ILE A 129 4.56 26.22 8.81
N ALA A 130 4.91 24.93 8.84
CA ALA A 130 5.72 24.32 7.80
C ALA A 130 4.85 23.47 6.87
N LEU A 131 5.20 23.48 5.58
CA LEU A 131 4.73 22.46 4.63
C LEU A 131 5.88 21.45 4.46
N VAL A 132 5.57 20.19 4.70
CA VAL A 132 6.55 19.11 4.67
C VAL A 132 6.10 18.02 3.73
N GLY A 133 6.97 17.65 2.80
CA GLY A 133 6.69 16.65 1.83
C GLY A 133 7.17 17.04 0.45
N ASP A 134 6.28 16.99 -0.53
CA ASP A 134 6.61 17.42 -1.89
C ASP A 134 6.47 18.94 -1.99
N THR A 135 7.59 19.65 -1.83
CA THR A 135 7.57 21.12 -1.80
C THR A 135 8.50 21.77 -2.82
N LYS A 136 9.12 20.96 -3.66
CA LYS A 136 10.16 21.43 -4.57
C LYS A 136 9.60 22.17 -5.79
N LEU A 137 10.41 23.10 -6.31
CA LEU A 137 10.17 23.73 -7.60
C LEU A 137 10.87 22.91 -8.69
N THR A 138 10.28 22.83 -9.87
CA THR A 138 10.88 22.12 -10.99
C THR A 138 10.69 22.84 -12.31
N THR A 139 11.31 22.30 -13.35
CA THR A 139 11.20 22.86 -14.70
C THR A 139 9.85 22.58 -15.35
N ASN A 140 9.31 21.36 -15.16
CA ASN A 140 8.11 20.92 -15.89
C ASN A 140 6.84 20.61 -15.09
N ILE A 141 6.94 20.52 -13.75
CA ILE A 141 5.77 20.18 -12.93
C ILE A 141 5.43 21.30 -11.99
N SER A 142 4.19 21.75 -12.03
CA SER A 142 3.69 22.78 -11.12
C SER A 142 3.91 22.32 -9.68
N SER A 143 4.38 23.23 -8.83
CA SER A 143 4.55 22.96 -7.41
CA SER A 143 4.55 22.93 -7.41
C SER A 143 3.26 23.29 -6.68
N THR A 144 2.23 22.49 -6.97
CA THR A 144 0.85 22.80 -6.59
C THR A 144 0.69 23.10 -5.12
N ARG A 145 1.16 22.20 -4.27
CA ARG A 145 0.97 22.38 -2.83
C ARG A 145 1.77 23.48 -2.18
N ARG A 146 3.02 23.64 -2.59
CA ARG A 146 3.87 24.74 -2.16
C ARG A 146 3.21 26.09 -2.45
N THR A 147 2.75 26.23 -3.69
CA THR A 147 2.16 27.48 -4.12
C THR A 147 0.85 27.76 -3.40
N ASN A 148 -0.01 26.75 -3.27
CA ASN A 148 -1.27 26.93 -2.54
C ASN A 148 -1.09 27.25 -1.06
N PHE A 149 -0.09 26.63 -0.42
CA PHE A 149 0.26 26.89 0.96
C PHE A 149 0.67 28.33 1.14
N ILE A 150 1.57 28.78 0.28
CA ILE A 150 2.03 30.15 0.36
C ILE A 150 0.88 31.15 0.11
N LYS A 151 0.04 30.89 -0.88
CA LYS A 151 -1.11 31.77 -1.17
C LYS A 151 -2.05 31.81 0.03
N SER A 152 -2.36 30.63 0.59
CA SER A 152 -3.27 30.59 1.72
C SER A 152 -2.72 31.32 2.95
N MSE A 153 -1.44 31.13 3.23
CA MSE A 153 -0.80 31.77 4.37
C MSE A 153 -0.84 33.27 4.17
O MSE A 153 -1.17 34.01 5.10
CB MSE A 153 0.64 31.30 4.55
CG MSE A 153 0.74 29.83 4.99
SE MSE A 153 0.28 29.65 6.89
CE MSE A 153 2.05 30.12 7.60
N THR A 154 -0.49 33.73 2.98
CA THR A 154 -0.50 35.19 2.71
C THR A 154 -1.93 35.79 2.62
N ASP A 155 -2.89 35.02 2.10
CA ASP A 155 -4.32 35.40 2.18
C ASP A 155 -4.79 35.63 3.62
N HIS A 156 -4.15 34.95 4.57
CA HIS A 156 -4.48 35.03 6.00
C HIS A 156 -3.65 36.08 6.73
N ASN A 157 -2.97 36.91 5.94
CA ASN A 157 -2.15 38.01 6.44
C ASN A 157 -0.92 37.57 7.21
N LEU A 158 -0.41 36.38 6.89
CA LEU A 158 0.87 35.97 7.45
C LEU A 158 1.95 36.27 6.44
N ALA A 159 3.19 36.21 6.88
CA ALA A 159 4.31 36.73 6.13
C ALA A 159 5.29 35.61 5.86
N TYR A 160 6.24 35.90 5.00
CA TYR A 160 7.31 34.98 4.60
CA TYR A 160 7.23 34.91 4.62
C TYR A 160 8.01 34.38 5.82
N GLU A 161 8.18 35.21 6.87
CA GLU A 161 8.83 34.77 8.11
C GLU A 161 8.03 33.68 8.87
N ASN A 162 6.74 33.57 8.59
CA ASN A 162 5.89 32.51 9.20
C ASN A 162 5.80 31.21 8.39
N ILE A 163 6.38 31.22 7.19
CA ILE A 163 6.21 30.16 6.19
C ILE A 163 7.48 29.34 6.10
N PHE A 164 7.37 28.04 6.35
CA PHE A 164 8.51 27.12 6.29
C PHE A 164 8.21 25.95 5.34
N LEU A 165 9.24 25.50 4.65
CA LEU A 165 9.12 24.48 3.62
C LEU A 165 10.18 23.41 3.81
N TYR A 166 9.85 22.16 3.53
CA TYR A 166 10.89 21.12 3.48
C TYR A 166 10.47 19.94 2.66
N GLY A 167 11.36 19.47 1.78
CA GLY A 167 11.19 18.17 1.16
C GLY A 167 10.91 18.12 -0.33
N ASN A 168 11.25 16.97 -0.90
CA ASN A 168 11.11 16.70 -2.32
C ASN A 168 10.13 15.61 -2.70
N ASP A 169 9.53 14.95 -1.71
CA ASP A 169 8.61 13.86 -2.05
C ASP A 169 7.71 13.56 -0.87
N HIS A 170 6.82 12.58 -1.07
CA HIS A 170 5.77 12.26 -0.09
C HIS A 170 6.15 11.11 0.85
N SER A 171 7.45 10.87 1.06
CA SER A 171 7.87 9.67 1.77
C SER A 171 7.93 9.85 3.27
N TYR A 172 7.86 8.73 3.98
CA TYR A 172 8.13 8.67 5.39
C TYR A 172 9.47 9.33 5.74
N GLU A 173 10.51 9.02 4.97
CA GLU A 173 11.84 9.51 5.25
C GLU A 173 11.89 11.05 5.17
N THR A 174 11.15 11.64 4.23
CA THR A 174 11.08 13.09 4.13
C THR A 174 10.45 13.70 5.38
N GLY A 175 9.42 13.08 5.91
CA GLY A 175 8.84 13.58 7.16
C GLY A 175 9.83 13.47 8.32
N TYR A 176 10.51 12.33 8.40
CA TYR A 176 11.42 12.04 9.48
C TYR A 176 12.62 13.01 9.46
N THR A 177 13.17 13.19 8.27
CA THR A 177 14.37 14.03 8.11
C THR A 177 14.08 15.50 8.25
N SER A 178 12.84 15.91 7.93
CA SER A 178 12.49 17.34 7.98
C SER A 178 12.85 17.99 9.32
N VAL A 179 12.48 17.33 10.41
CA VAL A 179 12.63 17.91 11.74
C VAL A 179 13.86 17.41 12.48
N THR A 180 14.66 16.57 11.84
CA THR A 180 15.92 16.08 12.43
C THR A 180 17.13 16.70 11.73
N THR A 181 17.18 16.63 10.41
CA THR A 181 18.31 17.20 9.69
C THR A 181 17.94 18.47 8.91
N GLY A 182 16.66 18.69 8.65
CA GLY A 182 16.23 19.90 7.96
C GLY A 182 16.13 21.11 8.85
N TYR A 183 15.69 20.86 10.08
CA TYR A 183 15.54 21.88 11.12
C TYR A 183 16.09 21.30 12.40
N ASP A 184 16.25 22.15 13.40
CA ASP A 184 16.74 21.78 14.71
C ASP A 184 15.57 21.31 15.57
N ILE A 185 15.54 20.01 15.84
CA ILE A 185 14.42 19.40 16.54
C ILE A 185 14.18 19.97 17.91
N ASN A 186 15.22 20.56 18.53
CA ASN A 186 15.08 21.16 19.86
C ASN A 186 14.56 22.59 19.84
N GLN A 187 14.60 23.24 18.70
CA GLN A 187 14.11 24.61 18.56
C GLN A 187 13.40 24.76 17.23
N LEU A 188 12.35 24.00 17.01
CA LEU A 188 11.64 24.10 15.76
C LEU A 188 11.06 25.49 15.64
N PRO A 189 11.21 26.10 14.48
CA PRO A 189 10.73 27.46 14.28
C PRO A 189 9.28 27.52 13.89
N PHE A 190 8.62 26.36 13.79
CA PHE A 190 7.20 26.31 13.54
C PHE A 190 6.55 25.41 14.59
N THR A 191 5.28 25.67 14.85
CA THR A 191 4.49 24.94 15.84
C THR A 191 3.61 23.86 15.22
N ALA A 192 3.46 23.91 13.90
CA ALA A 192 2.59 23.01 13.13
C ALA A 192 3.20 22.70 11.79
N ALA A 193 2.96 21.47 11.33
CA ALA A 193 3.40 21.04 10.03
C ALA A 193 2.21 20.46 9.26
N ILE A 194 2.10 20.88 8.01
CA ILE A 194 1.16 20.30 7.07
C ILE A 194 1.94 19.29 6.25
N ALA A 195 1.59 18.01 6.37
CA ALA A 195 2.29 16.96 5.67
C ALA A 195 1.58 16.66 4.35
N THR A 196 2.31 16.64 3.23
CA THR A 196 1.66 16.50 1.93
C THR A 196 1.11 15.11 1.62
N ALA A 197 1.47 14.12 2.46
CA ALA A 197 0.87 12.77 2.40
C ALA A 197 0.89 12.17 3.80
N ASP A 198 0.05 11.16 4.03
CA ASP A 198 -0.08 10.55 5.35
C ASP A 198 1.28 10.02 5.92
N MSE A 199 2.06 9.38 5.07
CA MSE A 199 3.33 8.77 5.51
C MSE A 199 4.30 9.85 5.97
O MSE A 199 5.09 9.64 6.87
CB MSE A 199 3.99 7.92 4.42
CG MSE A 199 3.45 6.51 4.42
SE MSE A 199 4.12 5.63 6.05
CE MSE A 199 3.35 3.91 5.50
N VAL A 200 4.24 11.04 5.36
CA VAL A 200 5.06 12.16 5.82
C VAL A 200 4.69 12.47 7.26
N GLY A 201 3.40 12.50 7.57
CA GLY A 201 2.96 12.69 8.94
C GLY A 201 3.44 11.62 9.91
N GLN A 202 3.45 10.37 9.45
CA GLN A 202 3.96 9.28 10.27
C GLN A 202 5.47 9.44 10.55
N GLY A 203 6.19 9.93 9.55
CA GLY A 203 7.63 10.25 9.72
C GLY A 203 7.88 11.30 10.77
N LEU A 204 7.07 12.35 10.71
CA LEU A 204 7.13 13.43 11.68
C LEU A 204 6.86 12.92 13.08
N ILE A 205 5.80 12.12 13.25
CA ILE A 205 5.49 11.55 14.55
C ILE A 205 6.67 10.76 15.11
N ASN A 206 7.26 9.90 14.29
CA ASN A 206 8.32 9.03 14.79
C ASN A 206 9.59 9.82 15.10
N ALA A 207 9.89 10.84 14.29
CA ALA A 207 11.08 11.64 14.55
C ALA A 207 10.93 12.33 15.89
N MSE A 208 9.75 12.88 16.16
CA MSE A 208 9.50 13.53 17.46
C MSE A 208 9.65 12.52 18.58
O MSE A 208 10.40 12.79 19.56
CB MSE A 208 8.15 14.25 17.57
CG MSE A 208 7.92 15.33 16.51
SE MSE A 208 9.34 16.73 16.36
CE MSE A 208 8.75 17.70 17.93
N SER A 209 8.96 11.39 18.49
CA SER A 209 8.99 10.35 19.56
C SER A 209 10.39 9.81 19.83
N ASP A 210 11.16 9.63 18.77
CA ASP A 210 12.52 9.09 18.85
C ASP A 210 13.48 10.07 19.51
N HIS A 211 13.12 11.35 19.57
CA HIS A 211 13.99 12.39 20.16
C HIS A 211 13.40 13.04 21.39
N GLY A 212 12.64 12.27 22.15
CA GLY A 212 12.12 12.70 23.44
C GLY A 212 11.04 13.75 23.41
N LYS A 213 10.29 13.84 22.31
CA LYS A 213 9.23 14.80 22.17
C LYS A 213 7.95 14.07 21.85
N THR A 214 6.84 14.78 21.81
CA THR A 214 5.55 14.16 21.62
C THR A 214 4.67 15.06 20.77
N VAL A 215 3.96 14.44 19.83
CA VAL A 215 2.93 15.11 19.04
C VAL A 215 1.61 14.90 19.78
N PRO A 216 0.79 15.94 19.99
CA PRO A 216 0.94 17.30 19.44
C PRO A 216 1.60 18.34 20.33
N GLU A 217 1.96 17.98 21.56
CA GLU A 217 2.49 18.96 22.51
C GLU A 217 3.66 19.72 21.93
N ASP A 218 4.54 19.04 21.19
CA ASP A 218 5.74 19.65 20.65
C ASP A 218 5.70 19.98 19.16
N LEU A 219 4.65 19.55 18.46
CA LEU A 219 4.43 19.81 17.04
C LEU A 219 3.06 19.32 16.68
N SER A 220 2.23 20.20 16.13
CA SER A 220 0.93 19.81 15.59
C SER A 220 1.11 19.39 14.13
N ILE A 221 0.29 18.43 13.69
CA ILE A 221 0.39 17.87 12.35
C ILE A 221 -1.00 17.67 11.76
N VAL A 222 -1.15 18.08 10.50
CA VAL A 222 -2.29 17.73 9.66
C VAL A 222 -1.75 17.12 8.37
N THR A 223 -2.32 16.00 7.95
CA THR A 223 -1.91 15.35 6.71
C THR A 223 -2.95 15.48 5.61
N ILE A 224 -2.49 15.29 4.38
CA ILE A 224 -3.38 15.21 3.22
C ILE A 224 -3.44 13.76 2.76
N ASP A 225 -4.68 13.23 2.69
CA ASP A 225 -5.11 12.00 2.00
C ASP A 225 -6.11 11.23 2.89
N GLY A 226 -5.78 11.04 4.16
CA GLY A 226 -6.69 10.42 5.10
C GLY A 226 -6.87 8.92 4.94
N LEU A 227 -5.84 8.25 4.48
CA LEU A 227 -5.85 6.81 4.32
C LEU A 227 -5.46 6.11 5.65
N GLN A 228 -5.31 4.78 5.61
CA GLN A 228 -5.26 3.98 6.85
C GLN A 228 -4.11 4.36 7.80
N GLN A 229 -3.00 4.84 7.26
CA GLN A 229 -1.90 5.28 8.17
C GLN A 229 -2.34 6.32 9.20
N THR A 230 -3.30 7.19 8.84
CA THR A 230 -3.77 8.21 9.77
C THR A 230 -4.51 7.64 10.96
N GLU A 231 -5.07 6.43 10.79
CA GLU A 231 -5.82 5.75 11.85
C GLU A 231 -4.93 4.85 12.71
N ILE A 232 -3.84 4.38 12.14
CA ILE A 232 -2.95 3.48 12.89
CA ILE A 232 -2.86 3.47 12.78
C ILE A 232 -1.81 4.24 13.55
N ALA A 233 -1.54 5.48 13.12
CA ALA A 233 -0.63 6.35 13.84
C ALA A 233 -1.09 6.58 15.26
N ARG A 234 -0.13 6.86 16.13
CA ARG A 234 -0.43 7.25 17.50
C ARG A 234 0.47 8.42 17.85
N PRO A 235 -0.09 9.62 18.05
CA PRO A 235 -1.52 9.94 18.03
C PRO A 235 -2.15 9.78 16.66
N LYS A 236 -3.44 9.46 16.61
CA LYS A 236 -4.16 9.41 15.35
CA LYS A 236 -4.13 9.40 15.34
C LYS A 236 -4.06 10.79 14.68
N LEU A 237 -3.86 10.80 13.37
CA LEU A 237 -3.59 12.03 12.61
C LEU A 237 -4.84 12.70 12.08
N THR A 238 -4.93 13.97 12.42
CA THR A 238 -5.85 14.91 11.79
C THR A 238 -5.47 14.98 10.32
N THR A 239 -6.47 14.97 9.46
CA THR A 239 -6.22 14.74 8.04
C THR A 239 -7.32 15.35 7.16
N VAL A 240 -6.94 15.80 5.97
CA VAL A 240 -7.92 16.03 4.90
C VAL A 240 -8.12 14.74 4.15
N LYS A 241 -9.31 14.19 4.29
CA LYS A 241 -9.60 12.93 3.68
C LYS A 241 -10.15 13.15 2.28
N GLN A 242 -9.47 12.58 1.31
CA GLN A 242 -9.92 12.61 -0.10
C GLN A 242 -10.81 11.42 -0.34
N ASP A 243 -11.79 11.58 -1.21
CA ASP A 243 -12.63 10.45 -1.56
C ASP A 243 -12.12 9.79 -2.83
N PHE A 244 -11.04 9.02 -2.72
CA PHE A 244 -10.40 8.44 -3.90
C PHE A 244 -11.33 7.51 -4.66
N PRO A 245 -12.14 6.71 -3.94
CA PRO A 245 -13.04 5.88 -4.71
C PRO A 245 -14.05 6.71 -5.52
N GLU A 246 -14.58 7.81 -4.99
CA GLU A 246 -15.53 8.66 -5.75
CA GLU A 246 -15.52 8.63 -5.75
C GLU A 246 -14.80 9.24 -6.97
N ILE A 247 -13.56 9.67 -6.79
CA ILE A 247 -12.78 10.20 -7.94
C ILE A 247 -12.72 9.15 -9.07
N GLY A 248 -12.42 7.91 -8.72
CA GLY A 248 -12.42 6.83 -9.70
C GLY A 248 -13.79 6.61 -10.35
N ARG A 249 -14.84 6.52 -9.54
CA ARG A 249 -16.20 6.32 -10.08
C ARG A 249 -16.61 7.43 -11.05
N ILE A 250 -16.36 8.66 -10.65
CA ILE A 250 -16.77 9.83 -11.44
C ILE A 250 -15.97 9.91 -12.73
N ALA A 251 -14.67 9.63 -12.69
CA ALA A 251 -13.88 9.57 -13.91
C ALA A 251 -14.43 8.54 -14.91
N MSE A 252 -14.78 7.35 -14.44
CA MSE A 252 -15.33 6.35 -15.32
C MSE A 252 -16.68 6.82 -15.83
O MSE A 252 -17.00 6.65 -17.01
CB MSE A 252 -15.40 5.00 -14.59
CG MSE A 252 -15.88 3.87 -15.50
SE MSE A 252 -14.76 3.54 -17.07
CE MSE A 252 -15.91 2.25 -18.00
N GLN A 253 -17.48 7.42 -14.95
CA GLN A 253 -18.83 7.89 -15.36
C GLN A 253 -18.71 8.96 -16.45
N LEU A 254 -17.71 9.82 -16.32
CA LEU A 254 -17.48 10.85 -17.31
C LEU A 254 -17.22 10.22 -18.68
N PHE A 255 -16.39 9.19 -18.72
CA PHE A 255 -16.11 8.46 -19.94
C PHE A 255 -17.40 7.81 -20.47
N LEU A 256 -18.13 7.12 -19.61
CA LEU A 256 -19.36 6.45 -20.04
C LEU A 256 -20.42 7.41 -20.58
N ASP A 257 -20.50 8.61 -20.01
CA ASP A 257 -21.51 9.59 -20.35
C ASP A 257 -21.12 10.46 -21.54
N SER A 258 -19.86 10.36 -21.99
CA SER A 258 -19.34 11.19 -23.08
C SER A 258 -19.89 10.70 -24.45
N ASP A 259 -19.83 11.54 -25.48
CA ASP A 259 -20.37 11.16 -26.81
C ASP A 259 -19.44 11.40 -28.00
N GLU A 264 -15.79 20.13 -25.26
CA GLU A 264 -15.07 20.96 -24.30
C GLU A 264 -14.60 20.10 -23.11
N PRO A 265 -13.30 20.14 -22.77
CA PRO A 265 -12.81 19.42 -21.57
C PRO A 265 -13.41 19.96 -20.27
N GLN A 266 -13.51 19.12 -19.23
CA GLN A 266 -14.22 19.48 -18.00
C GLN A 266 -13.33 19.15 -16.80
N ILE A 267 -13.41 19.94 -15.74
CA ILE A 267 -12.74 19.62 -14.48
C ILE A 267 -13.84 19.43 -13.44
N ILE A 268 -13.90 18.24 -12.86
CA ILE A 268 -14.88 17.94 -11.80
C ILE A 268 -14.13 17.83 -10.47
N TYR A 269 -14.53 18.66 -9.53
CA TYR A 269 -13.96 18.69 -8.20
C TYR A 269 -14.79 17.83 -7.26
N ILE A 270 -14.10 16.94 -6.54
CA ILE A 270 -14.75 16.03 -5.60
C ILE A 270 -14.50 16.57 -4.19
N PRO A 271 -15.58 16.72 -3.39
CA PRO A 271 -15.45 17.30 -2.05
C PRO A 271 -14.49 16.51 -1.18
N THR A 272 -13.86 17.22 -0.24
CA THR A 272 -13.06 16.60 0.80
C THR A 272 -13.55 17.05 2.16
N GLU A 273 -12.96 16.49 3.21
CA GLU A 273 -13.35 16.88 4.54
C GLU A 273 -12.18 16.73 5.48
N LEU A 274 -12.15 17.62 6.45
CA LEU A 274 -11.08 17.66 7.40
C LEU A 274 -11.55 16.88 8.61
N ILE A 275 -10.87 15.77 8.89
CA ILE A 275 -11.21 14.93 9.99
C ILE A 275 -10.29 15.26 11.14
N GLN A 276 -10.89 15.68 12.24
CA GLN A 276 -10.13 16.08 13.38
C GLN A 276 -9.89 14.87 14.26
N ARG A 277 -8.62 14.56 14.50
CA ARG A 277 -8.28 13.45 15.40
C ARG A 277 -7.42 14.00 16.55
N ASP A 278 -6.20 13.50 16.74
CA ASP A 278 -5.47 13.75 17.98
C ASP A 278 -4.13 14.44 17.83
N SER A 279 -3.85 14.99 16.65
CA SER A 279 -2.52 15.47 16.34
C SER A 279 -2.39 16.99 16.27
N VAL A 280 -3.41 17.72 16.74
CA VAL A 280 -3.34 19.19 16.74
C VAL A 280 -3.66 19.76 18.11
N LEU A 281 -2.82 20.67 18.56
CA LEU A 281 -2.99 21.38 19.82
C LEU A 281 -3.53 22.78 19.56
N ASN A 282 -4.47 23.22 20.39
CA ASN A 282 -4.90 24.61 20.39
C ASN A 282 -3.90 25.43 21.20
N LEU A 283 -3.23 26.38 20.58
CA LEU A 283 -2.29 27.26 21.29
C LEU A 283 -2.90 28.48 21.99
N ASN A 284 -4.18 28.76 21.76
CA ASN A 284 -4.87 29.92 22.37
C ASN A 284 -5.23 29.71 23.84
N ARG B 11 4.75 -8.93 -26.95
CA ARG B 11 4.90 -9.98 -25.90
C ARG B 11 4.52 -9.43 -24.52
N VAL B 12 3.51 -10.07 -23.93
CA VAL B 12 2.86 -9.56 -22.74
C VAL B 12 2.70 -10.71 -21.75
N VAL B 13 2.86 -10.39 -20.47
CA VAL B 13 2.56 -11.31 -19.36
C VAL B 13 1.56 -10.63 -18.44
N GLY B 14 0.69 -11.43 -17.86
CA GLY B 14 -0.33 -10.97 -16.93
C GLY B 14 0.00 -11.31 -15.50
N VAL B 15 -0.50 -10.48 -14.59
CA VAL B 15 -0.43 -10.77 -13.17
CA VAL B 15 -0.43 -10.72 -13.15
C VAL B 15 -1.83 -10.57 -12.59
N VAL B 16 -2.28 -11.57 -11.85
CA VAL B 16 -3.60 -11.57 -11.25
C VAL B 16 -3.43 -11.32 -9.76
N VAL B 17 -4.00 -10.21 -9.32
CA VAL B 17 -3.83 -9.76 -7.94
C VAL B 17 -5.20 -9.76 -7.26
N PRO B 18 -5.28 -10.28 -6.03
CA PRO B 18 -6.57 -10.22 -5.34
C PRO B 18 -6.93 -8.78 -5.02
N LEU B 19 -8.20 -8.45 -5.15
CA LEU B 19 -8.69 -7.11 -4.83
C LEU B 19 -8.42 -6.73 -3.35
N ILE B 20 -8.33 -7.73 -2.47
CA ILE B 20 -7.97 -7.52 -1.06
C ILE B 20 -6.59 -8.15 -0.77
N HIS B 21 -5.58 -7.29 -0.61
CA HIS B 21 -4.19 -7.77 -0.49
C HIS B 21 -3.36 -6.89 0.45
N THR B 22 -2.41 -7.52 1.15
CA THR B 22 -1.35 -6.79 1.85
C THR B 22 -0.53 -6.05 0.78
N ASN B 23 0.30 -5.11 1.22
CA ASN B 23 1.29 -4.47 0.33
C ASN B 23 2.34 -5.38 -0.31
N PHE B 24 2.29 -6.68 -0.02
CA PHE B 24 3.29 -7.58 -0.58
C PHE B 24 3.24 -7.63 -2.11
N ALA B 25 2.05 -7.46 -2.68
CA ALA B 25 1.85 -7.57 -4.14
C ALA B 25 2.66 -6.54 -4.93
N ASP B 26 2.69 -5.31 -4.43
CA ASP B 26 3.44 -4.24 -5.11
C ASP B 26 4.93 -4.58 -5.18
N GLU B 27 5.45 -5.19 -4.10
CA GLU B 27 6.85 -5.55 -4.06
C GLU B 27 7.15 -6.71 -5.01
N ILE B 28 6.26 -7.70 -5.07
CA ILE B 28 6.39 -8.75 -6.07
C ILE B 28 6.39 -8.15 -7.46
N ILE B 29 5.43 -7.27 -7.72
CA ILE B 29 5.28 -6.62 -9.02
C ILE B 29 6.51 -5.79 -9.41
N LYS B 30 7.19 -5.19 -8.42
CA LYS B 30 8.42 -4.45 -8.69
C LYS B 30 9.44 -5.39 -9.33
N GLY B 31 9.58 -6.57 -8.74
CA GLY B 31 10.51 -7.56 -9.26
C GLY B 31 10.08 -8.12 -10.60
N LEU B 32 8.78 -8.41 -10.76
CA LEU B 32 8.29 -8.87 -12.05
C LEU B 32 8.57 -7.82 -13.10
N TYR B 33 8.27 -6.58 -12.75
CA TYR B 33 8.44 -5.46 -13.65
C TYR B 33 9.88 -5.28 -14.17
N GLU B 34 10.86 -5.34 -13.27
CA GLU B 34 12.24 -5.12 -13.71
C GLU B 34 12.72 -6.23 -14.63
N THR B 35 12.27 -7.47 -14.37
CA THR B 35 12.66 -8.58 -15.24
C THR B 35 11.92 -8.54 -16.56
N THR B 36 10.65 -8.16 -16.55
CA THR B 36 9.89 -8.07 -17.82
C THR B 36 10.47 -6.98 -18.73
N ILE B 37 10.77 -5.82 -18.13
CA ILE B 37 11.33 -4.68 -18.87
C ILE B 37 12.59 -5.08 -19.63
N SER B 38 13.55 -5.69 -18.93
CA SER B 38 14.84 -6.03 -19.53
C SER B 38 14.80 -7.17 -20.56
N SER B 39 13.67 -7.89 -20.65
CA SER B 39 13.52 -8.99 -21.59
C SER B 39 12.56 -8.65 -22.74
N GLY B 40 12.09 -7.41 -22.80
CA GLY B 40 11.23 -6.96 -23.89
C GLY B 40 9.77 -7.34 -23.79
N TYR B 41 9.31 -7.70 -22.59
CA TYR B 41 7.91 -8.01 -22.37
C TYR B 41 7.26 -6.83 -21.68
N GLU B 42 5.94 -6.75 -21.79
CA GLU B 42 5.18 -5.78 -21.03
CA GLU B 42 5.18 -5.78 -21.03
C GLU B 42 4.31 -6.51 -20.00
N LEU B 43 4.00 -5.83 -18.91
CA LEU B 43 3.23 -6.38 -17.80
C LEU B 43 1.80 -5.81 -17.75
N LEU B 44 0.79 -6.69 -17.72
CA LEU B 44 -0.61 -6.29 -17.55
C LEU B 44 -1.02 -6.74 -16.17
N ILE B 45 -1.62 -5.86 -15.39
CA ILE B 45 -2.05 -6.18 -14.05
C ILE B 45 -3.57 -6.16 -14.05
N THR B 46 -4.14 -7.20 -13.46
CA THR B 46 -5.57 -7.31 -13.35
C THR B 46 -5.93 -7.74 -11.93
N TYR B 47 -7.08 -7.30 -11.45
CA TYR B 47 -7.53 -7.65 -10.11
C TYR B 47 -8.66 -8.68 -10.17
N LEU B 48 -8.73 -9.52 -9.14
CA LEU B 48 -9.72 -10.60 -9.09
C LEU B 48 -10.57 -10.48 -7.82
N ASP B 49 -11.89 -10.34 -7.99
CA ASP B 49 -12.82 -10.41 -6.86
C ASP B 49 -13.21 -11.88 -6.63
N GLU B 50 -14.23 -12.12 -5.80
CA GLU B 50 -14.67 -13.49 -5.54
C GLU B 50 -15.97 -13.83 -6.27
N ASP B 51 -16.35 -13.00 -7.23
CA ASP B 51 -17.53 -13.25 -8.05
C ASP B 51 -17.12 -14.02 -9.30
N GLU B 52 -17.66 -15.22 -9.47
CA GLU B 52 -17.21 -16.10 -10.53
C GLU B 52 -17.45 -15.58 -11.93
N ASP B 53 -18.52 -14.80 -12.13
CA ASP B 53 -18.81 -14.21 -13.45
C ASP B 53 -17.80 -13.13 -13.82
N HIS B 54 -17.35 -12.38 -12.82
CA HIS B 54 -16.34 -11.34 -13.04
C HIS B 54 -15.01 -12.00 -13.32
N GLN B 55 -14.71 -13.06 -12.58
CA GLN B 55 -13.50 -13.86 -12.82
C GLN B 55 -13.45 -14.34 -14.27
N TYR B 56 -14.57 -14.82 -14.78
CA TYR B 56 -14.58 -15.30 -16.16
C TYR B 56 -14.36 -14.18 -17.18
N GLN B 57 -14.96 -13.01 -16.95
CA GLN B 57 -14.79 -11.86 -17.85
C GLN B 57 -13.32 -11.47 -17.91
N VAL B 58 -12.69 -11.40 -16.74
CA VAL B 58 -11.25 -11.17 -16.62
C VAL B 58 -10.42 -12.17 -17.40
N PHE B 59 -10.73 -13.45 -17.25
CA PHE B 59 -10.00 -14.48 -17.98
C PHE B 59 -10.05 -14.25 -19.51
N GLN B 60 -11.23 -13.93 -20.04
CA GLN B 60 -11.32 -13.51 -21.44
C GLN B 60 -10.41 -12.30 -21.76
N THR B 61 -10.18 -11.41 -20.78
CA THR B 61 -9.17 -10.31 -20.88
C THR B 61 -7.70 -10.83 -20.89
N LEU B 62 -7.40 -11.93 -20.21
CA LEU B 62 -6.10 -12.59 -20.32
C LEU B 62 -5.90 -13.36 -21.62
N LEU B 63 -6.89 -14.17 -21.99
CA LEU B 63 -6.87 -14.87 -23.27
C LEU B 63 -6.73 -13.90 -24.46
N SER B 64 -7.61 -12.89 -24.51
CA SER B 64 -7.71 -11.97 -25.66
C SER B 64 -6.59 -10.93 -25.73
N ARG B 65 -5.79 -10.84 -24.68
CA ARG B 65 -4.55 -10.08 -24.73
C ARG B 65 -3.40 -11.00 -25.16
N GLN B 66 -3.74 -12.26 -25.45
CA GLN B 66 -2.77 -13.26 -25.89
C GLN B 66 -1.51 -13.18 -25.02
N VAL B 67 -1.71 -13.14 -23.71
CA VAL B 67 -0.58 -13.15 -22.76
C VAL B 67 0.19 -14.46 -22.91
N GLY B 68 1.49 -14.40 -22.69
CA GLY B 68 2.36 -15.57 -22.79
C GLY B 68 2.38 -16.35 -21.49
N ALA B 69 2.17 -15.63 -20.39
CA ALA B 69 2.25 -16.20 -19.06
C ALA B 69 1.30 -15.41 -18.20
N VAL B 70 0.75 -16.09 -17.19
CA VAL B 70 -0.01 -15.46 -16.12
C VAL B 70 0.62 -15.81 -14.80
N PHE B 71 0.99 -14.78 -14.04
CA PHE B 71 1.46 -14.95 -12.67
C PHE B 71 0.33 -14.76 -11.65
N MSE B 72 0.16 -15.77 -10.79
CA MSE B 72 -0.94 -15.81 -9.80
CA MSE B 72 -0.94 -15.75 -9.82
C MSE B 72 -0.43 -15.50 -8.43
O MSE B 72 0.49 -16.15 -7.95
CB MSE B 72 -1.54 -17.22 -9.84
CB MSE B 72 -1.77 -17.03 -9.87
CG MSE B 72 -1.95 -17.55 -11.28
CG MSE B 72 -2.82 -16.96 -10.99
SE MSE B 72 -3.63 -16.61 -11.69
SE MSE B 72 -3.24 -18.81 -11.49
CE MSE B 72 -4.30 -17.72 -13.17
CE MSE B 72 -4.11 -18.30 -13.18
N LEU B 73 -1.02 -14.52 -7.76
CA LEU B 73 -0.59 -14.14 -6.44
C LEU B 73 -1.60 -14.59 -5.37
N SER B 74 -2.81 -14.98 -5.81
CA SER B 74 -3.99 -15.19 -4.97
C SER B 74 -4.35 -16.67 -4.85
N LEU B 75 -4.76 -17.12 -3.67
CA LEU B 75 -5.18 -18.53 -3.53
C LEU B 75 -6.63 -18.78 -3.92
N ASP B 76 -7.40 -17.71 -4.13
CA ASP B 76 -8.80 -17.82 -4.53
C ASP B 76 -9.03 -18.08 -6.02
N ILE B 77 -7.97 -18.43 -6.76
CA ILE B 77 -8.11 -18.66 -8.20
C ILE B 77 -8.89 -19.94 -8.42
N PRO B 78 -9.99 -19.90 -9.20
CA PRO B 78 -10.70 -21.15 -9.45
C PRO B 78 -9.89 -22.12 -10.34
N SER B 79 -10.08 -23.41 -10.15
CA SER B 79 -9.32 -24.40 -10.89
C SER B 79 -9.56 -24.27 -12.38
N TRP B 80 -10.78 -23.89 -12.75
CA TRP B 80 -11.11 -23.79 -14.16
C TRP B 80 -10.30 -22.71 -14.85
N MSE B 81 -9.92 -21.64 -14.13
CA MSE B 81 -9.08 -20.61 -14.72
C MSE B 81 -7.69 -21.11 -15.02
O MSE B 81 -7.13 -20.85 -16.09
CB MSE B 81 -8.92 -19.36 -13.82
CG MSE B 81 -8.33 -18.24 -14.68
SE MSE B 81 -8.22 -16.63 -13.54
CE MSE B 81 -10.13 -16.39 -13.27
N ILE B 82 -7.10 -21.83 -14.07
CA ILE B 82 -5.77 -22.42 -14.28
C ILE B 82 -5.84 -23.42 -15.46
N ASP B 83 -6.83 -24.30 -15.45
CA ASP B 83 -6.97 -25.28 -16.54
C ASP B 83 -7.18 -24.60 -17.88
N LYS B 84 -8.08 -23.61 -17.94
CA LYS B 84 -8.34 -22.99 -19.23
C LYS B 84 -7.09 -22.29 -19.78
N LEU B 85 -6.31 -21.64 -18.91
CA LEU B 85 -5.08 -20.96 -19.33
C LEU B 85 -4.06 -21.97 -19.83
N LEU B 86 -3.81 -23.03 -19.04
CA LEU B 86 -2.89 -24.09 -19.49
C LEU B 86 -3.35 -24.70 -20.82
N GLU B 87 -4.65 -24.85 -21.00
CA GLU B 87 -5.17 -25.50 -22.22
C GLU B 87 -5.07 -24.62 -23.46
N GLU B 88 -4.80 -23.32 -23.24
CA GLU B 88 -4.51 -22.39 -24.32
CA GLU B 88 -4.52 -22.40 -24.34
C GLU B 88 -3.01 -22.15 -24.50
N GLN B 89 -2.20 -23.04 -23.95
CA GLN B 89 -0.73 -23.00 -24.06
C GLN B 89 -0.11 -21.73 -23.44
N ILE B 90 -0.75 -21.21 -22.40
CA ILE B 90 -0.24 -20.08 -21.62
C ILE B 90 0.41 -20.63 -20.35
N SER B 91 1.60 -20.14 -20.04
CA SER B 91 2.31 -20.53 -18.84
C SER B 91 1.64 -19.91 -17.63
N VAL B 92 1.53 -20.69 -16.57
CA VAL B 92 0.91 -20.24 -15.34
C VAL B 92 1.86 -20.56 -14.20
N ILE B 93 2.21 -19.55 -13.40
CA ILE B 93 3.17 -19.70 -12.32
C ILE B 93 2.59 -18.97 -11.11
N SER B 94 2.63 -19.62 -9.95
CA SER B 94 2.06 -18.99 -8.76
C SER B 94 3.16 -18.46 -7.87
N LEU B 95 2.87 -17.35 -7.19
CA LEU B 95 3.86 -16.67 -6.37
C LEU B 95 3.40 -16.58 -4.92
N THR B 96 4.30 -16.98 -4.02
CA THR B 96 4.10 -16.98 -2.57
C THR B 96 3.10 -18.06 -2.09
N ALA B 97 2.64 -18.90 -3.01
CA ALA B 97 1.65 -19.91 -2.66
C ALA B 97 1.76 -21.02 -3.68
N LEU B 98 1.40 -22.23 -3.25
CA LEU B 98 1.39 -23.41 -4.10
C LEU B 98 -0.08 -23.59 -4.47
N LEU B 99 -0.41 -23.12 -5.67
CA LEU B 99 -1.79 -23.00 -6.11
C LEU B 99 -2.34 -24.32 -6.69
N SER B 100 -1.50 -25.02 -7.43
CA SER B 100 -1.91 -26.26 -8.08
C SER B 100 -0.68 -27.09 -8.37
N GLU B 101 -0.82 -28.38 -8.14
CA GLU B 101 0.19 -29.37 -8.54
C GLU B 101 0.57 -29.33 -10.02
N GLN B 102 -0.29 -28.76 -10.87
CA GLN B 102 -0.03 -28.69 -12.30
C GLN B 102 0.96 -27.61 -12.72
N ILE B 103 1.24 -26.65 -11.84
CA ILE B 103 2.04 -25.49 -12.21
C ILE B 103 3.22 -25.28 -11.27
N SER B 104 4.22 -24.56 -11.76
CA SER B 104 5.36 -24.17 -10.96
C SER B 104 5.02 -23.03 -9.98
N ALA B 105 5.81 -22.94 -8.92
CA ALA B 105 5.64 -21.90 -7.90
C ALA B 105 6.98 -21.36 -7.45
N VAL B 106 7.00 -20.06 -7.15
CA VAL B 106 8.13 -19.43 -6.49
C VAL B 106 7.63 -18.81 -5.18
N THR B 107 8.31 -19.13 -4.09
CA THR B 107 7.80 -18.82 -2.77
C THR B 107 8.88 -18.87 -1.70
N SER B 108 8.64 -18.16 -0.61
CA SER B 108 9.37 -18.40 0.61
C SER B 108 8.91 -19.75 1.15
N ASN B 109 9.80 -20.45 1.82
CA ASN B 109 9.41 -21.73 2.43
C ASN B 109 8.64 -21.48 3.71
N GLU B 110 7.35 -21.84 3.70
CA GLU B 110 6.44 -21.54 4.81
C GLU B 110 6.85 -22.18 6.13
N PHE B 111 7.19 -23.48 6.11
CA PHE B 111 7.55 -24.14 7.33
C PHE B 111 8.83 -23.55 7.90
N GLU B 112 9.82 -23.28 7.04
CA GLU B 112 11.07 -22.73 7.55
CA GLU B 112 11.07 -22.72 7.53
C GLU B 112 10.88 -21.35 8.16
N MSE B 113 9.99 -20.54 7.58
CA MSE B 113 9.69 -19.20 8.14
C MSE B 113 9.12 -19.38 9.52
O MSE B 113 9.59 -18.76 10.48
CB MSE B 113 8.64 -18.42 7.36
CG MSE B 113 9.18 -17.91 6.04
SE MSE B 113 8.02 -16.50 5.26
CE MSE B 113 6.55 -17.67 4.68
N MSE B 114 8.10 -20.23 9.64
CA MSE B 114 7.44 -20.39 10.90
C MSE B 114 8.37 -20.97 11.96
O MSE B 114 8.42 -20.50 13.09
CB MSE B 114 6.22 -21.30 10.68
CG MSE B 114 5.43 -21.44 11.96
SE MSE B 114 4.62 -19.75 12.61
CE MSE B 114 3.27 -19.55 11.20
N ASN B 115 9.11 -21.98 11.59
CA ASN B 115 9.99 -22.66 12.52
C ASN B 115 11.12 -21.74 12.96
N SER B 116 11.54 -20.81 12.08
CA SER B 116 12.56 -19.84 12.48
C SER B 116 12.09 -18.92 13.60
N ILE B 117 10.81 -18.58 13.59
CA ILE B 117 10.25 -17.75 14.63
C ILE B 117 10.10 -18.51 15.92
N VAL B 118 9.51 -19.70 15.84
CA VAL B 118 9.31 -20.52 17.01
C VAL B 118 10.68 -20.82 17.69
N ASP B 119 11.68 -21.17 16.88
CA ASP B 119 13.06 -21.40 17.39
C ASP B 119 13.54 -20.23 18.23
N TYR B 120 13.42 -19.04 17.64
CA TYR B 120 13.85 -17.81 18.28
C TYR B 120 13.07 -17.50 19.55
N LEU B 121 11.74 -17.60 19.53
CA LEU B 121 10.99 -17.22 20.72
C LEU B 121 11.28 -18.20 21.87
N ILE B 122 11.44 -19.47 21.54
CA ILE B 122 11.82 -20.45 22.56
C ILE B 122 13.23 -20.17 23.13
N ASP B 123 14.18 -19.83 22.27
CA ASP B 123 15.50 -19.40 22.72
C ASP B 123 15.39 -18.18 23.63
N MSE B 124 14.43 -17.29 23.38
CA MSE B 124 14.19 -16.13 24.23
C MSE B 124 13.38 -16.42 25.46
O MSE B 124 13.00 -15.49 26.17
CB MSE B 124 13.53 -15.02 23.40
CG MSE B 124 14.39 -14.51 22.27
SE MSE B 124 15.83 -13.34 22.97
CE MSE B 124 14.87 -11.63 23.08
N GLY B 125 13.08 -17.70 25.74
CA GLY B 125 12.42 -18.09 27.00
C GLY B 125 10.91 -18.21 26.97
N HIS B 126 10.30 -18.05 25.79
CA HIS B 126 8.83 -18.15 25.69
C HIS B 126 8.36 -19.60 25.50
N LYS B 127 7.24 -19.91 26.12
CA LYS B 127 6.65 -21.24 26.05
C LYS B 127 5.19 -21.16 25.59
N ASN B 128 4.45 -20.20 26.14
CA ASN B 128 3.06 -19.98 25.79
C ASN B 128 2.96 -18.91 24.69
N ILE B 129 2.60 -19.35 23.48
CA ILE B 129 2.72 -18.54 22.27
C ILE B 129 1.43 -18.61 21.45
N ALA B 130 0.95 -17.46 20.98
CA ALA B 130 -0.21 -17.39 20.10
C ALA B 130 0.20 -17.16 18.65
N LEU B 131 -0.58 -17.72 17.73
CA LEU B 131 -0.55 -17.35 16.33
C LEU B 131 -1.76 -16.48 16.10
N VAL B 132 -1.55 -15.25 15.63
CA VAL B 132 -2.61 -14.28 15.45
C VAL B 132 -2.64 -13.83 13.99
N GLY B 133 -3.82 -13.88 13.38
CA GLY B 133 -4.00 -13.49 12.02
C GLY B 133 -4.81 -14.51 11.25
N ASP B 134 -4.28 -14.95 10.13
CA ASP B 134 -5.00 -15.93 9.31
C ASP B 134 -4.79 -17.34 9.91
N THR B 135 -5.72 -17.77 10.75
CA THR B 135 -5.59 -19.06 11.46
C THR B 135 -6.78 -20.00 11.23
N LYS B 136 -7.70 -19.60 10.38
CA LYS B 136 -8.95 -20.36 10.18
C LYS B 136 -8.78 -21.63 9.35
N LEU B 137 -9.60 -22.61 9.67
CA LEU B 137 -9.77 -23.81 8.86
C LEU B 137 -10.90 -23.57 7.87
N THR B 138 -10.77 -24.11 6.66
CA THR B 138 -11.77 -23.94 5.61
C THR B 138 -11.92 -25.20 4.78
N THR B 139 -12.94 -25.18 3.93
CA THR B 139 -13.21 -26.29 3.02
C THR B 139 -12.19 -26.43 1.90
N ASN B 140 -11.72 -25.33 1.32
CA ASN B 140 -10.92 -25.43 0.10
C ASN B 140 -9.49 -24.89 0.12
N ILE B 141 -9.11 -24.26 1.21
CA ILE B 141 -7.80 -23.63 1.31
C ILE B 141 -7.04 -24.16 2.51
N SER B 142 -5.82 -24.61 2.28
CA SER B 142 -4.95 -25.11 3.34
C SER B 142 -4.75 -24.04 4.40
N SER B 143 -4.79 -24.44 5.67
CA SER B 143 -4.49 -23.53 6.79
C SER B 143 -2.99 -23.60 7.09
N THR B 144 -2.20 -23.12 6.11
CA THR B 144 -0.75 -23.34 6.08
C THR B 144 -0.07 -22.91 7.35
N ARG B 145 -0.30 -21.66 7.78
CA ARG B 145 0.41 -21.13 8.93
C ARG B 145 -0.06 -21.74 10.25
N ARG B 146 -1.37 -21.93 10.41
CA ARG B 146 -1.89 -22.64 11.54
C ARG B 146 -1.20 -24.03 11.72
N THR B 147 -1.18 -24.80 10.64
CA THR B 147 -0.64 -26.17 10.68
C THR B 147 0.88 -26.16 10.93
N ASN B 148 1.59 -25.25 10.27
CA ASN B 148 3.04 -25.14 10.52
C ASN B 148 3.39 -24.70 11.92
N PHE B 149 2.62 -23.79 12.51
CA PHE B 149 2.84 -23.34 13.87
C PHE B 149 2.67 -24.48 14.85
N ILE B 150 1.58 -25.21 14.73
CA ILE B 150 1.33 -26.35 15.59
C ILE B 150 2.43 -27.43 15.44
N LYS B 151 2.82 -27.73 14.21
CA LYS B 151 3.88 -28.70 13.96
C LYS B 151 5.18 -28.22 14.62
N SER B 152 5.57 -26.98 14.39
CA SER B 152 6.83 -26.46 14.96
C SER B 152 6.83 -26.43 16.49
N MSE B 153 5.70 -26.03 17.09
CA MSE B 153 5.57 -26.01 18.54
C MSE B 153 5.70 -27.41 19.09
O MSE B 153 6.44 -27.66 20.05
CB MSE B 153 4.22 -25.45 18.95
CG MSE B 153 4.14 -23.93 18.68
SE MSE B 153 5.16 -22.86 19.95
CE MSE B 153 3.93 -22.85 21.45
N THR B 154 5.00 -28.36 18.50
CA THR B 154 5.05 -29.74 19.00
C THR B 154 6.43 -30.39 18.73
N ASP B 155 7.06 -30.06 17.61
CA ASP B 155 8.44 -30.48 17.32
C ASP B 155 9.41 -29.98 18.38
N HIS B 156 9.10 -28.85 19.01
CA HIS B 156 9.92 -28.26 20.07
C HIS B 156 9.50 -28.79 21.43
N ASN B 157 8.72 -29.88 21.42
CA ASN B 157 8.23 -30.53 22.62
C ASN B 157 7.36 -29.65 23.51
N LEU B 158 6.60 -28.74 22.90
CA LEU B 158 5.59 -28.02 23.64
C LEU B 158 4.25 -28.70 23.37
N ALA B 159 3.28 -28.39 24.22
CA ALA B 159 2.02 -29.10 24.27
C ALA B 159 0.90 -28.24 23.74
N TYR B 160 -0.25 -28.86 23.56
CA TYR B 160 -1.47 -28.13 23.18
C TYR B 160 -1.84 -27.01 24.14
N GLU B 161 -1.58 -27.17 25.43
CA GLU B 161 -1.88 -26.13 26.40
C GLU B 161 -0.98 -24.87 26.23
N ASN B 162 0.11 -25.01 25.48
CA ASN B 162 1.02 -23.91 25.18
C ASN B 162 0.70 -23.19 23.85
N ILE B 163 -0.25 -23.72 23.08
CA ILE B 163 -0.51 -23.26 21.72
C ILE B 163 -1.81 -22.48 21.72
N PHE B 164 -1.75 -21.23 21.26
CA PHE B 164 -2.94 -20.37 21.20
C PHE B 164 -3.14 -19.85 19.78
N LEU B 165 -4.39 -19.75 19.35
CA LEU B 165 -4.69 -19.33 17.98
C LEU B 165 -5.74 -18.26 17.97
N TYR B 166 -5.61 -17.27 17.09
CA TYR B 166 -6.70 -16.32 16.90
C TYR B 166 -6.74 -15.73 15.52
N GLY B 167 -7.92 -15.70 14.93
CA GLY B 167 -8.19 -14.86 13.79
C GLY B 167 -8.45 -15.52 12.47
N ASN B 168 -9.05 -14.73 11.59
CA ASN B 168 -9.48 -15.20 10.28
C ASN B 168 -8.83 -14.51 9.11
N ASP B 169 -7.97 -13.51 9.33
CA ASP B 169 -7.37 -12.84 8.20
C ASP B 169 -6.14 -12.05 8.66
N HIS B 170 -5.49 -11.39 7.72
CA HIS B 170 -4.20 -10.72 7.94
C HIS B 170 -4.37 -9.22 8.31
N SER B 171 -5.54 -8.82 8.79
CA SER B 171 -5.84 -7.41 8.95
C SER B 171 -5.35 -6.82 10.28
N TYR B 172 -5.05 -5.53 10.26
CA TYR B 172 -4.94 -4.75 11.46
C TYR B 172 -6.03 -5.04 12.48
N GLU B 173 -7.27 -5.08 12.03
CA GLU B 173 -8.37 -5.30 12.96
C GLU B 173 -8.29 -6.64 13.68
N THR B 174 -7.84 -7.67 12.98
CA THR B 174 -7.65 -9.00 13.62
C THR B 174 -6.62 -8.92 14.74
N GLY B 175 -5.51 -8.23 14.48
CA GLY B 175 -4.53 -8.04 15.53
C GLY B 175 -5.08 -7.31 16.71
N TYR B 176 -5.81 -6.23 16.43
CA TYR B 176 -6.37 -5.38 17.46
C TYR B 176 -7.40 -6.16 18.29
N THR B 177 -8.27 -6.91 17.64
CA THR B 177 -9.36 -7.60 18.37
C THR B 177 -8.90 -8.82 19.15
N SER B 178 -7.80 -9.44 18.73
CA SER B 178 -7.30 -10.67 19.37
C SER B 178 -7.11 -10.47 20.88
N VAL B 179 -6.61 -9.31 21.27
CA VAL B 179 -6.28 -9.10 22.67
C VAL B 179 -7.29 -8.21 23.38
N THR B 180 -8.38 -7.89 22.70
CA THR B 180 -9.47 -7.12 23.27
C THR B 180 -10.76 -7.96 23.38
N THR B 181 -11.22 -8.54 22.28
CA THR B 181 -12.37 -9.48 22.34
C THR B 181 -11.96 -10.95 22.46
N GLY B 182 -10.79 -11.30 21.96
CA GLY B 182 -10.37 -12.71 21.88
C GLY B 182 -9.84 -13.26 23.20
N TYR B 183 -9.01 -12.47 23.87
CA TYR B 183 -8.41 -12.79 25.17
C TYR B 183 -8.51 -11.59 26.10
N ASP B 184 -8.32 -11.84 27.39
CA ASP B 184 -8.37 -10.81 28.42
C ASP B 184 -7.02 -10.11 28.44
N ILE B 185 -7.02 -8.83 28.04
CA ILE B 185 -5.77 -8.08 27.91
C ILE B 185 -5.01 -7.92 29.21
N ASN B 186 -5.72 -8.05 30.33
CA ASN B 186 -5.12 -7.94 31.65
C ASN B 186 -4.57 -9.25 32.19
N GLN B 187 -4.91 -10.35 31.54
CA GLN B 187 -4.49 -11.69 31.95
C GLN B 187 -4.22 -12.55 30.71
N LEU B 188 -3.35 -12.09 29.84
CA LEU B 188 -3.10 -12.84 28.60
C LEU B 188 -2.43 -14.19 28.94
N PRO B 189 -2.91 -15.28 28.33
CA PRO B 189 -2.34 -16.60 28.66
C PRO B 189 -1.09 -16.96 27.86
N PHE B 190 -0.64 -16.06 26.99
CA PHE B 190 0.58 -16.24 26.22
C PHE B 190 1.46 -15.00 26.41
N THR B 191 2.77 -15.19 26.32
CA THR B 191 3.76 -14.12 26.48
C THR B 191 4.24 -13.58 25.14
N ALA B 192 3.98 -14.32 24.07
CA ALA B 192 4.41 -13.93 22.72
C ALA B 192 3.33 -14.24 21.72
N ALA B 193 3.24 -13.42 20.68
CA ALA B 193 2.34 -13.65 19.53
C ALA B 193 3.11 -13.60 18.24
N ILE B 194 2.86 -14.56 17.37
CA ILE B 194 3.36 -14.56 16.02
C ILE B 194 2.25 -14.03 15.13
N ALA B 195 2.47 -12.86 14.52
CA ALA B 195 1.49 -12.22 13.68
C ALA B 195 1.67 -12.66 12.23
N THR B 196 0.60 -13.10 11.57
CA THR B 196 0.73 -13.66 10.24
C THR B 196 1.02 -12.67 9.12
N ALA B 197 0.88 -11.39 9.44
CA ALA B 197 1.29 -10.29 8.55
C ALA B 197 1.68 -9.11 9.41
N ASP B 198 2.43 -8.19 8.82
CA ASP B 198 2.90 -7.02 9.54
C ASP B 198 1.76 -6.19 10.19
N MSE B 199 0.67 -5.96 9.44
CA MSE B 199 -0.44 -5.14 9.96
C MSE B 199 -1.08 -5.77 11.18
O MSE B 199 -1.55 -5.07 12.06
CB MSE B 199 -1.51 -4.85 8.92
CG MSE B 199 -1.07 -3.76 7.97
SE MSE B 199 -1.15 -2.09 9.02
CE MSE B 199 -0.83 -1.04 7.38
N VAL B 200 -1.09 -7.10 11.26
CA VAL B 200 -1.61 -7.77 12.44
C VAL B 200 -0.75 -7.39 13.64
N GLY B 201 0.58 -7.36 13.43
CA GLY B 201 1.48 -6.90 14.49
C GLY B 201 1.23 -5.46 14.93
N GLN B 202 0.98 -4.58 13.97
CA GLN B 202 0.68 -3.19 14.30
C GLN B 202 -0.62 -3.08 15.11
N GLY B 203 -1.63 -3.86 14.74
CA GLY B 203 -2.87 -3.94 15.52
C GLY B 203 -2.62 -4.39 16.96
N LEU B 204 -1.77 -5.40 17.14
CA LEU B 204 -1.41 -5.85 18.47
C LEU B 204 -0.71 -4.74 19.27
N ILE B 205 0.27 -4.07 18.65
CA ILE B 205 0.97 -2.97 19.32
C ILE B 205 0.00 -1.89 19.78
N ASN B 206 -0.90 -1.48 18.89
CA ASN B 206 -1.82 -0.40 19.22
C ASN B 206 -2.84 -0.81 20.28
N ALA B 207 -3.34 -2.04 20.23
CA ALA B 207 -4.29 -2.50 21.27
C ALA B 207 -3.63 -2.50 22.65
N MSE B 208 -2.39 -2.95 22.70
CA MSE B 208 -1.65 -2.94 23.95
C MSE B 208 -1.44 -1.54 24.45
O MSE B 208 -1.76 -1.22 25.61
CB MSE B 208 -0.32 -3.70 23.80
CG MSE B 208 -0.37 -5.18 23.47
SE MSE B 208 -1.52 -6.25 24.69
CE MSE B 208 -0.24 -6.34 26.17
N SER B 209 -0.92 -0.68 23.59
CA SER B 209 -0.66 0.71 23.97
CA SER B 209 -0.67 0.72 23.95
C SER B 209 -1.95 1.46 24.34
N ASP B 210 -3.01 1.26 23.58
CA ASP B 210 -4.27 1.93 23.86
C ASP B 210 -4.86 1.56 25.23
N HIS B 211 -4.49 0.39 25.77
CA HIS B 211 -5.02 -0.08 27.06
C HIS B 211 -3.98 0.04 28.18
N GLY B 212 -2.96 0.87 27.96
CA GLY B 212 -1.98 1.24 28.97
C GLY B 212 -0.86 0.23 29.15
N LYS B 213 -0.73 -0.72 28.21
CA LYS B 213 0.28 -1.76 28.27
C LYS B 213 1.44 -1.37 27.36
N THR B 214 2.51 -2.15 27.43
CA THR B 214 3.73 -1.84 26.67
C THR B 214 4.29 -3.11 26.05
N VAL B 215 4.64 -3.03 24.77
CA VAL B 215 5.36 -4.10 24.09
C VAL B 215 6.84 -3.75 24.16
N PRO B 216 7.73 -4.68 24.55
CA PRO B 216 7.44 -6.12 24.71
C PRO B 216 7.19 -6.62 26.11
N GLU B 217 7.21 -5.72 27.10
CA GLU B 217 7.11 -6.10 28.51
C GLU B 217 5.85 -6.89 28.80
N ASP B 218 4.74 -6.49 28.17
CA ASP B 218 3.44 -7.13 28.37
C ASP B 218 3.05 -8.13 27.29
N LEU B 219 3.81 -8.17 26.19
CA LEU B 219 3.58 -9.10 25.10
C LEU B 219 4.67 -8.92 24.09
N SER B 220 5.29 -10.03 23.69
CA SER B 220 6.27 -10.03 22.63
C SER B 220 5.58 -10.32 21.32
N ILE B 221 6.10 -9.71 20.26
CA ILE B 221 5.55 -9.88 18.91
C ILE B 221 6.61 -10.12 17.84
N VAL B 222 6.35 -11.08 16.96
CA VAL B 222 7.13 -11.24 15.74
C VAL B 222 6.16 -11.35 14.59
N THR B 223 6.43 -10.64 13.48
CA THR B 223 5.56 -10.68 12.30
C THR B 223 6.19 -11.42 11.17
N ILE B 224 5.34 -11.82 10.22
CA ILE B 224 5.80 -12.34 8.95
C ILE B 224 5.56 -11.30 7.83
N ASP B 225 6.62 -10.99 7.09
CA ASP B 225 6.67 -10.23 5.81
C ASP B 225 7.83 -9.22 5.86
N GLY B 226 7.89 -8.42 6.90
CA GLY B 226 9.04 -7.53 7.10
C GLY B 226 9.01 -6.34 6.18
N LEU B 227 7.82 -5.91 5.80
CA LEU B 227 7.65 -4.71 4.98
C LEU B 227 7.74 -3.46 5.87
N GLN B 228 7.58 -2.29 5.25
CA GLN B 228 7.81 -0.98 5.89
C GLN B 228 7.16 -0.79 7.26
N GLN B 229 5.94 -1.32 7.46
CA GLN B 229 5.26 -1.11 8.72
C GLN B 229 6.07 -1.62 9.91
N THR B 230 6.88 -2.66 9.69
CA THR B 230 7.67 -3.20 10.78
C THR B 230 8.74 -2.19 11.26
N GLU B 231 9.16 -1.31 10.35
CA GLU B 231 10.17 -0.26 10.63
C GLU B 231 9.56 1.02 11.20
N ILE B 232 8.29 1.23 10.86
CA ILE B 232 7.48 2.40 11.27
CA ILE B 232 7.53 2.41 11.29
C ILE B 232 6.91 2.20 12.67
N ALA B 233 6.66 0.95 13.02
CA ALA B 233 6.13 0.62 14.32
C ALA B 233 7.07 1.05 15.43
N ARG B 234 6.48 1.41 16.58
CA ARG B 234 7.23 1.67 17.79
C ARG B 234 6.59 0.86 18.92
N PRO B 235 7.29 -0.14 19.46
CA PRO B 235 8.67 -0.52 19.08
C PRO B 235 8.77 -1.14 17.70
N LYS B 236 9.93 -1.00 17.07
CA LYS B 236 10.20 -1.61 15.80
C LYS B 236 10.00 -3.10 15.92
N LEU B 237 9.35 -3.67 14.91
CA LEU B 237 8.92 -5.07 15.00
C LEU B 237 9.97 -6.06 14.48
N THR B 238 10.27 -7.02 15.33
CA THR B 238 10.99 -8.21 14.94
C THR B 238 10.14 -8.94 13.91
N THR B 239 10.77 -9.42 12.85
CA THR B 239 10.05 -9.88 11.68
C THR B 239 10.84 -10.86 10.84
N VAL B 240 10.11 -11.77 10.18
CA VAL B 240 10.69 -12.58 9.11
C VAL B 240 10.50 -11.85 7.81
N LYS B 241 11.59 -11.35 7.26
CA LYS B 241 11.55 -10.59 6.02
C LYS B 241 11.61 -11.46 4.80
N GLN B 242 10.56 -11.38 3.98
CA GLN B 242 10.51 -12.07 2.71
C GLN B 242 11.14 -11.21 1.63
N ASP B 243 11.80 -11.83 0.65
CA ASP B 243 12.31 -11.09 -0.49
C ASP B 243 11.32 -11.09 -1.65
N PHE B 244 10.30 -10.24 -1.55
CA PHE B 244 9.22 -10.25 -2.54
C PHE B 244 9.70 -9.90 -3.98
N PRO B 245 10.57 -8.88 -4.13
CA PRO B 245 11.06 -8.58 -5.48
C PRO B 245 11.78 -9.76 -6.13
N GLU B 246 12.56 -10.48 -5.34
CA GLU B 246 13.33 -11.60 -5.84
C GLU B 246 12.37 -12.74 -6.25
N ILE B 247 11.29 -12.92 -5.49
CA ILE B 247 10.29 -13.90 -5.87
C ILE B 247 9.76 -13.55 -7.27
N GLY B 248 9.52 -12.26 -7.52
CA GLY B 248 9.02 -11.84 -8.82
C GLY B 248 10.04 -12.03 -9.91
N ARG B 249 11.28 -11.59 -9.65
CA ARG B 249 12.36 -11.76 -10.62
C ARG B 249 12.59 -13.21 -11.01
N ILE B 250 12.70 -14.07 -10.01
CA ILE B 250 12.96 -15.49 -10.24
C ILE B 250 11.83 -16.14 -11.01
N ALA B 251 10.58 -15.79 -10.70
CA ALA B 251 9.45 -16.32 -11.42
C ALA B 251 9.42 -15.94 -12.89
N MSE B 252 9.69 -14.67 -13.18
CA MSE B 252 9.71 -14.23 -14.57
C MSE B 252 10.83 -14.95 -15.30
O MSE B 252 10.67 -15.37 -16.45
CB MSE B 252 9.84 -12.71 -14.64
CG MSE B 252 9.93 -12.20 -16.08
SE MSE B 252 8.26 -12.58 -17.03
CE MSE B 252 8.86 -12.11 -18.84
N GLN B 253 11.96 -15.10 -14.63
CA GLN B 253 13.12 -15.75 -15.24
C GLN B 253 12.82 -17.24 -15.52
N LEU B 254 12.09 -17.87 -14.61
CA LEU B 254 11.62 -19.23 -14.83
C LEU B 254 10.78 -19.31 -16.10
N PHE B 255 9.88 -18.35 -16.30
CA PHE B 255 9.10 -18.30 -17.54
C PHE B 255 10.01 -18.12 -18.78
N LEU B 256 10.93 -17.17 -18.71
CA LEU B 256 11.86 -16.90 -19.82
C LEU B 256 12.77 -18.10 -20.19
N ASP B 257 13.15 -18.88 -19.20
CA ASP B 257 14.08 -20.01 -19.40
C ASP B 257 13.43 -21.28 -19.94
N SER B 258 12.10 -21.39 -19.80
CA SER B 258 11.41 -22.67 -19.98
C SER B 258 11.55 -23.25 -21.39
N ASP B 259 12.20 -24.41 -21.48
CA ASP B 259 12.45 -25.11 -22.75
C ASP B 259 12.21 -26.60 -22.57
N GLU B 264 8.84 -29.66 -16.46
CA GLU B 264 7.93 -30.21 -15.45
C GLU B 264 7.79 -29.25 -14.26
N PRO B 265 6.61 -29.26 -13.59
CA PRO B 265 6.35 -28.33 -12.49
C PRO B 265 7.39 -28.42 -11.37
N GLN B 266 7.93 -27.27 -10.96
CA GLN B 266 8.89 -27.21 -9.87
C GLN B 266 8.49 -26.16 -8.83
N ILE B 267 9.02 -26.30 -7.61
CA ILE B 267 8.85 -25.32 -6.55
C ILE B 267 10.21 -24.75 -6.25
N ILE B 268 10.35 -23.44 -6.42
CA ILE B 268 11.58 -22.74 -6.10
C ILE B 268 11.40 -21.94 -4.79
N TYR B 269 12.27 -22.19 -3.81
CA TYR B 269 12.18 -21.51 -2.53
C TYR B 269 13.19 -20.36 -2.43
N ILE B 270 12.70 -19.19 -2.01
CA ILE B 270 13.56 -18.02 -1.82
C ILE B 270 13.80 -17.85 -0.34
N PRO B 271 15.07 -17.69 0.10
CA PRO B 271 15.32 -17.59 1.53
C PRO B 271 14.71 -16.36 2.19
N THR B 272 14.52 -16.45 3.51
CA THR B 272 14.06 -15.36 4.33
C THR B 272 15.04 -15.14 5.46
N GLU B 273 14.83 -14.06 6.22
CA GLU B 273 15.70 -13.71 7.31
C GLU B 273 14.88 -13.18 8.46
N LEU B 274 15.18 -13.68 9.65
CA LEU B 274 14.57 -13.20 10.89
C LEU B 274 15.38 -12.02 11.35
N ILE B 275 14.76 -10.85 11.34
CA ILE B 275 15.42 -9.61 11.73
C ILE B 275 15.00 -9.27 13.14
N GLN B 276 15.97 -9.27 14.05
CA GLN B 276 15.72 -9.01 15.46
C GLN B 276 15.72 -7.52 15.76
N ARG B 277 14.59 -7.02 16.23
CA ARG B 277 14.45 -5.60 16.55
C ARG B 277 14.05 -5.43 18.01
N ASP B 278 12.96 -4.72 18.31
CA ASP B 278 12.72 -4.25 19.66
C ASP B 278 11.43 -4.77 20.27
N SER B 279 10.75 -5.67 19.56
CA SER B 279 9.45 -6.15 20.03
C SER B 279 9.43 -7.51 20.74
N VAL B 280 10.58 -8.03 21.16
CA VAL B 280 10.62 -9.33 21.88
C VAL B 280 11.41 -9.21 23.19
N LEU B 281 10.80 -9.69 24.29
CA LEU B 281 11.43 -9.72 25.60
C LEU B 281 12.16 -11.06 25.77
N ASN B 282 13.36 -10.99 26.30
CA ASN B 282 14.13 -12.19 26.68
C ASN B 282 13.66 -12.55 28.08
N LEU B 283 12.94 -13.65 28.22
CA LEU B 283 12.36 -14.03 29.51
C LEU B 283 13.38 -14.75 30.42
N ASN B 284 14.55 -15.06 29.89
CA ASN B 284 15.62 -15.68 30.68
C ASN B 284 16.37 -14.67 31.56
C1 GLC C . -0.51 12.50 -5.65
C2 GLC C . -2.01 12.68 -5.72
C3 GLC C . -2.49 13.49 -4.53
C4 GLC C . -2.00 12.82 -3.24
C5 GLC C . -0.48 12.70 -3.24
C6 GLC C . 0.07 11.99 -1.98
O2 GLC C . -2.34 13.37 -6.94
O3 GLC C . -3.93 13.63 -4.54
O4 GLC C . -2.39 13.63 -2.13
O5 GLC C . -0.08 11.98 -4.38
O6 GLC C . -0.48 10.69 -1.87
C1 FRU C . 2.08 12.82 -6.78
C2 FRU C . 1.22 14.06 -6.55
C3 FRU C . 0.78 14.83 -7.79
C4 FRU C . 0.43 16.18 -7.18
C5 FRU C . 1.46 16.36 -6.06
C6 FRU C . 0.89 17.00 -4.80
O1 FRU C . 3.26 13.20 -7.47
O2 FRU C . 0.04 13.82 -5.77
O3 FRU C . -0.31 14.16 -8.43
O4 FRU C . 0.48 17.30 -8.10
O5 FRU C . 1.96 15.03 -5.82
O6 FRU C . 1.93 17.25 -3.85
C1 GLC D . -0.17 -13.97 1.44
C2 GLC D . 1.26 -14.25 0.98
C3 GLC D . 2.18 -14.45 2.17
C4 GLC D . 2.09 -13.24 3.09
C5 GLC D . 0.64 -13.03 3.50
C6 GLC D . 0.51 -11.81 4.40
O2 GLC D . 1.23 -15.47 0.22
O3 GLC D . 3.52 -14.68 1.69
O4 GLC D . 2.89 -13.44 4.26
O5 GLC D . -0.18 -12.85 2.33
O6 GLC D . 0.91 -10.65 3.69
C1 FRU D . -2.91 -14.67 1.57
C2 FRU D . -1.88 -15.70 2.05
C3 FRU D . -1.70 -17.00 1.24
C4 FRU D . -1.01 -17.89 2.24
C5 FRU D . -1.66 -17.50 3.55
C6 FRU D . -0.67 -17.52 4.69
O1 FRU D . -4.20 -15.25 1.63
O2 FRU D . -0.58 -15.12 2.18
O3 FRU D . -0.89 -16.84 0.06
O4 FRU D . -1.11 -19.30 1.97
O5 FRU D . -2.22 -16.17 3.36
O6 FRU D . -1.35 -17.15 5.91
#